data_8Y1I
#
_entry.id   8Y1I
#
_entity_poly.entity_id   1
_entity_poly.type   'polydeoxyribonucleotide'
_entity_poly.pdbx_seq_one_letter_code
;(3D1)(DA)(DC)(DC)(GF2)(GF2)(DT)(DT)
;
_entity_poly.pdbx_strand_id   A,B
#